data_6T7F
#
_entry.id   6T7F
#
_cell.length_a   179.008
_cell.length_b   179.008
_cell.length_c   87.276
_cell.angle_alpha   90.000
_cell.angle_beta   90.000
_cell.angle_gamma   120.000
#
_symmetry.space_group_name_H-M   'H 3 2'
#
loop_
_entity.id
_entity.type
_entity.pdbx_description
1 polymer 'E3 ubiquitin-protein ligase MYCBP2'
2 polymer 'Ubiquitin-conjugating enzyme E2 D3'
3 polymer Polyubiquitin-C
4 non-polymer 'ZINC ION'
5 non-polymer 3,3-bis(sulfanyl)-~{N}-(1~{H}-1,2,3-triazol-4-ylmethyl)propanamide
6 water water
#
loop_
_entity_poly.entity_id
_entity_poly.type
_entity_poly.pdbx_seq_one_letter_code
_entity_poly.pdbx_strand_id
1 'polypeptide(L)'
;GPLGSDADDMCMICFTEALSAAPAIQLDCSHIFHLQCCRRVLENRWLGPRITFGFISCPICKNKINHIVLKDLLDPIKEL
YEDVRRKALMRLEYEGLHKSEAITTPGVRFYNDPAGYAMNRYAYYVCYKCRKAYFGGEARCDAEAGRGDDYDPRELICGA
CSDVSRAQMCPKHGTDFLEYKCRYCCSVAVFFCFGTTHFCNACHDDFQRMTSIPKEELPHCPAGPKGKQLEGTECPLHVV
HPPTGEEFALGCGVCRNAHTF
;
A
2 'polypeptide(L)'
;GPGSALKRINKELSDLARDPPAQSRAGPVGDDMFHWQATIMGPNDSPYQGGVFFLTIHFPTDYPFKPPKVAFTTRIYHPN
INSNGSICLDILRSQWSPALTISKVLLSISSLLSDPNPDDPLVPEIARIYKTDRDKYNRISREWTQKYAM
;
B
3 'polypeptide(L)' MQIFVKTLTGKTITLEVEPSDTIENVKAKIQDKEGIPPDQQRLIFAGKQLEDGRTLSDYNIQKESTLHLVLRL C
#
# COMPACT_ATOMS: atom_id res chain seq x y z
N ASP A 8 3.36 -14.32 24.74
CA ASP A 8 2.88 -15.35 25.69
C ASP A 8 1.96 -16.33 24.97
N ASP A 9 0.78 -16.55 25.56
CA ASP A 9 -0.32 -17.31 24.97
C ASP A 9 -1.23 -16.37 24.18
N MET A 10 -0.69 -15.21 23.78
CA MET A 10 -1.46 -14.20 23.05
C MET A 10 -1.53 -14.55 21.57
N CYS A 11 -2.75 -14.46 21.01
CA CYS A 11 -3.04 -14.63 19.59
C CYS A 11 -2.60 -13.40 18.81
N MET A 12 -1.60 -13.51 17.92
CA MET A 12 -0.97 -12.33 17.36
C MET A 12 -1.77 -11.67 16.22
N ILE A 13 -3.02 -12.11 15.94
CA ILE A 13 -3.96 -11.45 15.02
C ILE A 13 -4.85 -10.45 15.76
N CYS A 14 -5.73 -10.95 16.63
CA CYS A 14 -6.51 -10.14 17.56
C CYS A 14 -5.75 -10.11 18.89
N PHE A 15 -5.22 -8.95 19.33
CA PHE A 15 -4.41 -9.02 20.55
C PHE A 15 -5.34 -9.01 21.76
N THR A 16 -6.55 -9.52 21.55
CA THR A 16 -7.64 -9.55 22.50
C THR A 16 -7.58 -10.81 23.36
N GLU A 17 -6.59 -11.70 23.13
CA GLU A 17 -6.74 -13.06 23.62
C GLU A 17 -5.43 -13.77 23.95
N ALA A 18 -5.62 -14.83 24.74
CA ALA A 18 -4.74 -15.99 24.74
C ALA A 18 -5.46 -17.06 23.93
N LEU A 19 -4.65 -17.84 23.19
CA LEU A 19 -5.09 -18.86 22.26
C LEU A 19 -5.87 -19.94 23.01
N SER A 20 -5.61 -20.03 24.33
CA SER A 20 -6.19 -20.98 25.25
C SER A 20 -7.71 -20.78 25.39
N ALA A 21 -8.27 -19.76 24.72
CA ALA A 21 -9.59 -19.23 25.03
C ALA A 21 -10.69 -19.79 24.12
N ALA A 22 -10.42 -19.95 22.82
CA ALA A 22 -11.39 -20.58 21.94
C ALA A 22 -10.67 -21.31 20.80
N PRO A 23 -11.42 -21.95 19.87
CA PRO A 23 -10.80 -22.72 18.78
C PRO A 23 -9.53 -22.11 18.15
N ALA A 24 -8.45 -22.89 18.10
CA ALA A 24 -7.15 -22.42 17.62
C ALA A 24 -6.53 -23.45 16.66
N ILE A 25 -5.56 -22.99 15.84
CA ILE A 25 -4.91 -23.80 14.82
C ILE A 25 -3.50 -23.29 14.54
N GLN A 26 -2.64 -24.20 14.10
CA GLN A 26 -1.27 -23.90 13.70
C GLN A 26 -1.17 -24.01 12.19
N LEU A 27 -0.78 -22.90 11.54
CA LEU A 27 -0.63 -22.87 10.09
C LEU A 27 0.62 -23.63 9.70
N ASP A 28 0.61 -24.10 8.45
CA ASP A 28 1.74 -24.77 7.81
C ASP A 28 3.01 -23.98 8.08
N CYS A 29 2.87 -22.67 8.30
CA CYS A 29 4.03 -21.80 8.45
C CYS A 29 4.68 -22.04 9.81
N SER A 30 3.87 -22.46 10.78
CA SER A 30 4.28 -22.95 12.09
C SER A 30 3.54 -22.23 13.22
N HIS A 31 3.37 -20.91 13.15
CA HIS A 31 2.80 -20.18 14.27
C HIS A 31 1.28 -20.27 14.27
N ILE A 32 0.73 -19.90 15.43
CA ILE A 32 -0.55 -20.39 15.88
C ILE A 32 -1.47 -19.19 16.10
N PHE A 33 -2.74 -19.35 15.73
CA PHE A 33 -3.76 -18.31 15.79
C PHE A 33 -5.11 -18.93 16.10
N HIS A 34 -6.08 -18.11 16.55
CA HIS A 34 -7.45 -18.57 16.67
C HIS A 34 -7.92 -18.99 15.29
N LEU A 35 -8.64 -20.11 15.20
CA LEU A 35 -9.21 -20.49 13.92
C LEU A 35 -10.09 -19.33 13.43
N GLN A 36 -10.97 -18.85 14.33
CA GLN A 36 -12.01 -17.90 13.96
C GLN A 36 -11.40 -16.58 13.46
N CYS A 37 -10.15 -16.28 13.85
CA CYS A 37 -9.45 -15.07 13.44
C CYS A 37 -8.92 -15.21 12.01
N CYS A 38 -8.20 -16.30 11.75
CA CYS A 38 -7.75 -16.65 10.41
C CYS A 38 -8.88 -16.63 9.39
N ARG A 39 -10.09 -16.98 9.83
CA ARG A 39 -11.18 -17.03 8.88
C ARG A 39 -11.60 -15.62 8.50
N ARG A 40 -11.61 -14.71 9.48
CA ARG A 40 -12.05 -13.35 9.23
C ARG A 40 -11.04 -12.71 8.28
N VAL A 41 -9.75 -12.88 8.58
CA VAL A 41 -8.73 -12.37 7.69
C VAL A 41 -8.99 -12.83 6.27
N LEU A 42 -9.48 -14.06 6.07
CA LEU A 42 -9.53 -14.60 4.71
C LEU A 42 -10.87 -14.29 4.05
N GLU A 43 -11.91 -14.04 4.84
CA GLU A 43 -13.22 -13.64 4.32
C GLU A 43 -13.15 -12.19 3.83
N ASN A 44 -12.39 -11.33 4.54
CA ASN A 44 -12.39 -9.90 4.29
C ASN A 44 -11.65 -9.62 2.99
N ARG A 45 -10.68 -10.48 2.71
CA ARG A 45 -9.80 -10.33 1.56
C ARG A 45 -9.12 -8.96 1.60
N TRP A 46 -9.08 -8.32 0.43
CA TRP A 46 -8.32 -7.10 0.27
C TRP A 46 -9.23 -5.88 0.50
N LEU A 47 -8.54 -4.75 0.58
CA LEU A 47 -9.10 -3.45 0.87
C LEU A 47 -9.33 -2.71 -0.44
N GLY A 48 -10.53 -2.16 -0.60
CA GLY A 48 -10.84 -1.39 -1.78
C GLY A 48 -11.08 -2.28 -2.99
N PRO A 49 -11.34 -1.70 -4.17
CA PRO A 49 -11.65 -2.50 -5.38
C PRO A 49 -10.55 -3.30 -6.06
N ARG A 50 -9.30 -2.82 -6.01
CA ARG A 50 -8.18 -3.43 -6.72
C ARG A 50 -7.69 -4.65 -5.97
N ILE A 51 -7.72 -5.80 -6.65
CA ILE A 51 -7.26 -7.08 -6.12
C ILE A 51 -5.79 -6.95 -5.75
N THR A 52 -5.50 -7.26 -4.47
CA THR A 52 -4.18 -7.42 -3.87
C THR A 52 -4.23 -8.64 -2.95
N PHE A 53 -3.05 -9.23 -2.62
CA PHE A 53 -3.00 -10.46 -1.86
C PHE A 53 -2.10 -10.32 -0.64
N GLY A 54 -1.95 -9.09 -0.15
CA GLY A 54 -1.25 -8.88 1.11
C GLY A 54 -1.85 -9.72 2.20
N PHE A 55 -3.18 -9.87 2.15
CA PHE A 55 -3.92 -10.35 3.31
C PHE A 55 -3.67 -11.84 3.54
N ILE A 56 -3.20 -12.57 2.51
CA ILE A 56 -3.06 -14.01 2.65
C ILE A 56 -1.71 -14.39 3.24
N SER A 57 -0.81 -13.43 3.46
CA SER A 57 0.45 -13.81 4.06
C SER A 57 0.29 -13.87 5.58
N CYS A 58 1.25 -14.52 6.25
CA CYS A 58 1.19 -14.73 7.68
C CYS A 58 1.55 -13.44 8.39
N PRO A 59 0.60 -12.91 9.21
CA PRO A 59 0.81 -11.70 9.99
C PRO A 59 2.26 -11.53 10.42
N ILE A 60 2.94 -12.66 10.63
CA ILE A 60 4.24 -12.67 11.23
C ILE A 60 5.31 -12.93 10.17
N CYS A 61 5.48 -14.19 9.75
CA CYS A 61 6.58 -14.58 8.89
C CYS A 61 6.30 -14.20 7.43
N LYS A 62 5.04 -13.87 7.11
CA LYS A 62 4.58 -13.43 5.80
C LYS A 62 4.83 -14.48 4.70
N ASN A 63 4.84 -15.76 5.08
CA ASN A 63 4.66 -16.84 4.12
C ASN A 63 3.19 -17.14 4.01
N LYS A 64 2.71 -17.54 2.83
CA LYS A 64 1.29 -17.74 2.59
C LYS A 64 0.67 -18.56 3.73
N ILE A 65 -0.56 -18.20 4.14
CA ILE A 65 -1.34 -18.86 5.18
C ILE A 65 -1.83 -20.18 4.59
N ASN A 66 -1.65 -21.28 5.35
CA ASN A 66 -2.11 -22.55 4.83
C ASN A 66 -2.61 -23.48 5.95
N HIS A 67 -3.65 -24.25 5.64
CA HIS A 67 -4.23 -25.21 6.58
C HIS A 67 -5.39 -25.96 5.96
N ILE A 68 -5.55 -27.22 6.38
CA ILE A 68 -6.63 -28.09 5.96
C ILE A 68 -7.98 -27.41 6.21
N VAL A 69 -8.14 -26.81 7.39
CA VAL A 69 -9.44 -26.33 7.83
C VAL A 69 -9.84 -25.08 7.06
N LEU A 70 -8.88 -24.47 6.36
CA LEU A 70 -9.04 -23.16 5.74
C LEU A 70 -9.15 -23.28 4.22
N LYS A 71 -9.20 -24.52 3.70
CA LYS A 71 -9.09 -24.74 2.27
C LYS A 71 -10.32 -24.19 1.55
N ASP A 72 -11.47 -24.18 2.22
CA ASP A 72 -12.69 -23.62 1.64
C ASP A 72 -12.49 -22.16 1.23
N LEU A 73 -11.73 -21.40 2.04
CA LEU A 73 -11.50 -19.99 1.80
C LEU A 73 -10.30 -19.79 0.86
N LEU A 74 -9.22 -20.54 1.13
CA LEU A 74 -7.97 -20.45 0.40
C LEU A 74 -8.14 -20.89 -1.05
N ASP A 75 -9.09 -21.82 -1.29
CA ASP A 75 -9.21 -22.47 -2.58
C ASP A 75 -9.67 -21.47 -3.64
N PRO A 76 -10.78 -20.73 -3.45
CA PRO A 76 -11.15 -19.69 -4.41
C PRO A 76 -10.09 -18.60 -4.53
N ILE A 77 -9.26 -18.43 -3.49
CA ILE A 77 -8.25 -17.39 -3.50
C ILE A 77 -7.10 -17.83 -4.40
N LYS A 78 -6.51 -19.01 -4.13
CA LYS A 78 -5.43 -19.55 -4.95
C LYS A 78 -5.81 -19.45 -6.43
N GLU A 79 -7.09 -19.67 -6.73
CA GLU A 79 -7.55 -19.70 -8.11
C GLU A 79 -7.55 -18.27 -8.69
N LEU A 80 -7.91 -17.29 -7.86
CA LEU A 80 -7.87 -15.89 -8.28
C LEU A 80 -6.43 -15.42 -8.41
N TYR A 81 -5.62 -15.72 -7.39
CA TYR A 81 -4.21 -15.46 -7.44
C TYR A 81 -3.61 -16.06 -8.71
N GLU A 82 -3.98 -17.31 -9.04
CA GLU A 82 -3.48 -17.98 -10.23
C GLU A 82 -3.83 -17.14 -11.45
N ASP A 83 -5.12 -16.79 -11.55
CA ASP A 83 -5.69 -16.09 -12.68
C ASP A 83 -4.91 -14.79 -12.93
N VAL A 84 -4.65 -14.07 -11.84
CA VAL A 84 -4.06 -12.74 -11.91
C VAL A 84 -2.57 -12.84 -12.22
N ARG A 85 -1.87 -13.74 -11.51
CA ARG A 85 -0.44 -13.97 -11.75
C ARG A 85 -0.26 -14.26 -13.24
N ARG A 86 -1.12 -15.15 -13.75
CA ARG A 86 -1.11 -15.56 -15.14
C ARG A 86 -1.25 -14.32 -16.03
N LYS A 87 -2.34 -13.56 -15.84
CA LYS A 87 -2.64 -12.44 -16.71
C LYS A 87 -1.57 -11.36 -16.63
N ALA A 88 -1.03 -11.16 -15.41
CA ALA A 88 -0.10 -10.08 -15.15
C ALA A 88 1.24 -10.39 -15.81
N LEU A 89 1.74 -11.60 -15.56
CA LEU A 89 3.03 -12.03 -16.07
C LEU A 89 3.01 -11.95 -17.59
N MET A 90 1.93 -12.45 -18.19
CA MET A 90 1.70 -12.36 -19.62
C MET A 90 1.79 -10.91 -20.08
N ARG A 91 1.01 -10.02 -19.46
CA ARG A 91 1.02 -8.63 -19.87
C ARG A 91 2.43 -8.04 -19.76
N LEU A 92 3.19 -8.46 -18.75
CA LEU A 92 4.51 -7.86 -18.57
C LEU A 92 5.41 -8.26 -19.73
N GLU A 93 5.36 -9.55 -20.13
CA GLU A 93 6.18 -10.07 -21.20
C GLU A 93 5.78 -9.38 -22.51
N TYR A 94 4.49 -9.48 -22.88
CA TYR A 94 3.98 -8.81 -24.06
C TYR A 94 4.42 -7.35 -24.06
N GLU A 95 4.29 -6.66 -22.92
CA GLU A 95 4.69 -5.27 -22.83
C GLU A 95 6.22 -5.13 -22.91
N GLY A 96 6.91 -6.26 -22.85
CA GLY A 96 8.36 -6.28 -23.01
C GLY A 96 9.09 -5.74 -21.79
N LEU A 97 8.58 -6.01 -20.58
CA LEU A 97 9.17 -5.47 -19.37
C LEU A 97 9.74 -6.57 -18.47
N HIS A 98 9.87 -7.79 -18.99
CA HIS A 98 10.34 -8.92 -18.20
C HIS A 98 11.86 -8.89 -18.07
N LYS A 99 12.53 -8.23 -19.03
CA LYS A 99 13.97 -8.02 -19.00
C LYS A 99 14.26 -6.76 -18.19
N SER A 100 13.18 -6.05 -17.82
CA SER A 100 13.25 -4.78 -17.11
C SER A 100 14.30 -4.86 -16.00
N GLU A 101 14.91 -3.70 -15.73
CA GLU A 101 16.07 -3.52 -14.88
C GLU A 101 15.74 -3.74 -13.41
N ALA A 102 14.44 -3.66 -13.07
CA ALA A 102 13.93 -3.76 -11.71
C ALA A 102 13.71 -5.22 -11.35
N ILE A 103 13.96 -6.08 -12.34
CA ILE A 103 13.91 -7.53 -12.20
C ILE A 103 15.32 -8.12 -12.29
N THR A 104 16.20 -7.52 -13.12
CA THR A 104 17.54 -8.06 -13.41
C THR A 104 18.62 -7.50 -12.49
N THR A 105 18.27 -6.59 -11.59
CA THR A 105 19.26 -5.99 -10.72
C THR A 105 19.23 -6.65 -9.33
N PRO A 106 20.33 -7.29 -8.89
CA PRO A 106 20.35 -8.04 -7.64
C PRO A 106 20.22 -7.10 -6.45
N GLY A 107 19.31 -7.44 -5.53
CA GLY A 107 19.16 -6.65 -4.32
C GLY A 107 18.05 -5.59 -4.41
N VAL A 108 17.45 -5.38 -5.59
CA VAL A 108 16.22 -4.61 -5.71
C VAL A 108 15.04 -5.52 -5.35
N ARG A 109 13.87 -4.91 -5.14
CA ARG A 109 12.73 -5.55 -4.50
C ARG A 109 12.33 -6.85 -5.20
N PHE A 110 12.22 -6.82 -6.54
CA PHE A 110 11.73 -7.98 -7.28
C PHE A 110 12.81 -8.54 -8.19
N TYR A 111 14.04 -8.65 -7.67
CA TYR A 111 15.10 -9.41 -8.31
C TYR A 111 14.61 -10.83 -8.58
N ASN A 112 14.55 -11.19 -9.88
CA ASN A 112 14.18 -12.52 -10.32
C ASN A 112 12.72 -12.82 -9.99
N ASP A 113 11.90 -11.76 -9.93
CA ASP A 113 10.52 -11.95 -9.54
C ASP A 113 9.61 -11.32 -10.58
N PRO A 114 9.57 -11.82 -11.83
CA PRO A 114 8.84 -11.12 -12.88
C PRO A 114 7.37 -11.02 -12.45
N ALA A 115 6.82 -12.14 -11.96
CA ALA A 115 5.44 -12.22 -11.52
C ALA A 115 5.16 -11.16 -10.44
N GLY A 116 6.07 -11.07 -9.46
CA GLY A 116 5.97 -10.11 -8.37
C GLY A 116 5.95 -8.67 -8.87
N TYR A 117 6.84 -8.35 -9.81
CA TYR A 117 6.92 -6.99 -10.32
C TYR A 117 5.61 -6.63 -10.99
N ALA A 118 5.10 -7.58 -11.80
CA ALA A 118 3.96 -7.32 -12.68
C ALA A 118 2.68 -7.08 -11.88
N MET A 119 2.47 -7.88 -10.83
CA MET A 119 1.27 -7.80 -10.01
C MET A 119 1.29 -6.53 -9.18
N ASN A 120 2.49 -6.03 -8.90
CA ASN A 120 2.69 -4.75 -8.27
C ASN A 120 2.35 -3.63 -9.24
N ARG A 121 2.75 -3.79 -10.50
CA ARG A 121 2.70 -2.71 -11.47
C ARG A 121 1.29 -2.54 -12.05
N TYR A 122 0.58 -3.65 -12.25
CA TYR A 122 -0.72 -3.64 -12.92
C TYR A 122 -1.85 -3.63 -11.90
N ALA A 123 -3.01 -3.12 -12.30
CA ALA A 123 -4.14 -3.12 -11.38
C ALA A 123 -5.25 -4.00 -11.92
N TYR A 124 -5.64 -5.01 -11.14
CA TYR A 124 -6.67 -5.94 -11.60
C TYR A 124 -7.89 -5.86 -10.70
N TYR A 125 -9.08 -6.09 -11.28
CA TYR A 125 -10.35 -6.02 -10.57
C TYR A 125 -11.15 -7.28 -10.83
N VAL A 126 -11.93 -7.70 -9.84
CA VAL A 126 -12.87 -8.80 -10.07
C VAL A 126 -14.09 -8.23 -10.79
N CYS A 127 -14.41 -8.82 -11.95
CA CYS A 127 -15.65 -8.54 -12.66
C CYS A 127 -16.83 -9.12 -11.88
N TYR A 128 -17.95 -8.41 -11.90
CA TYR A 128 -19.13 -8.82 -11.14
C TYR A 128 -19.96 -9.79 -11.97
N LYS A 129 -20.01 -9.63 -13.30
CA LYS A 129 -20.86 -10.44 -14.17
C LYS A 129 -20.28 -11.86 -14.28
N CYS A 130 -19.20 -12.05 -15.05
CA CYS A 130 -18.41 -13.28 -14.89
C CYS A 130 -17.74 -13.20 -13.53
N ARG A 131 -16.64 -13.92 -13.28
CA ARG A 131 -16.03 -13.66 -11.99
C ARG A 131 -14.50 -13.60 -12.11
N LYS A 132 -14.03 -13.19 -13.28
CA LYS A 132 -12.60 -13.26 -13.54
C LYS A 132 -11.97 -11.87 -13.42
N ALA A 133 -10.67 -11.84 -13.15
CA ALA A 133 -9.96 -10.58 -13.04
C ALA A 133 -9.84 -9.96 -14.42
N TYR A 134 -9.85 -8.62 -14.48
CA TYR A 134 -9.52 -7.90 -15.70
C TYR A 134 -8.56 -6.75 -15.39
N PHE A 135 -7.94 -6.24 -16.43
CA PHE A 135 -6.90 -5.26 -16.22
C PHE A 135 -7.53 -3.86 -16.18
N GLY A 136 -6.97 -2.98 -15.35
CA GLY A 136 -7.58 -1.69 -15.08
C GLY A 136 -6.61 -0.54 -15.30
N GLY A 137 -5.36 -0.86 -15.65
CA GLY A 137 -4.34 0.14 -15.93
C GLY A 137 -3.13 -0.06 -15.02
N GLU A 138 -2.04 0.69 -15.27
CA GLU A 138 -0.95 0.81 -14.31
C GLU A 138 -1.54 1.28 -12.99
N ALA A 139 -1.02 0.77 -11.87
CA ALA A 139 -1.51 1.20 -10.58
C ALA A 139 -0.93 2.58 -10.28
N ARG A 140 -1.79 3.56 -9.98
CA ARG A 140 -1.27 4.87 -9.63
C ARG A 140 -1.01 4.87 -8.13
N CYS A 141 -0.28 5.87 -7.62
CA CYS A 141 -0.19 6.06 -6.18
C CYS A 141 -1.42 6.83 -5.71
N ASP A 142 -1.97 7.67 -6.60
CA ASP A 142 -2.99 8.66 -6.28
C ASP A 142 -4.31 7.99 -5.91
N ALA A 143 -4.58 6.86 -6.59
CA ALA A 143 -5.68 5.97 -6.30
C ALA A 143 -5.41 5.17 -5.02
N GLU A 144 -4.11 4.96 -4.70
CA GLU A 144 -3.64 4.10 -3.62
C GLU A 144 -3.56 4.84 -2.28
N ALA A 145 -3.67 6.18 -2.31
CA ALA A 145 -3.99 6.97 -1.13
C ALA A 145 -5.22 7.83 -1.43
N GLY A 146 -6.32 7.15 -1.82
CA GLY A 146 -7.63 7.75 -2.08
C GLY A 146 -8.68 7.20 -1.12
N ARG A 147 -9.83 6.75 -1.65
CA ARG A 147 -10.88 6.16 -0.84
C ARG A 147 -10.44 4.76 -0.43
N GLY A 148 -11.12 4.23 0.60
CA GLY A 148 -11.17 2.80 0.83
C GLY A 148 -12.27 2.16 -0.02
N ASP A 149 -13.26 1.56 0.67
CA ASP A 149 -14.32 0.77 0.06
C ASP A 149 -15.66 1.51 0.02
N ASP A 150 -15.57 2.84 -0.16
CA ASP A 150 -16.73 3.61 -0.54
C ASP A 150 -16.92 3.40 -2.03
N TYR A 151 -17.06 2.13 -2.45
CA TYR A 151 -17.27 1.75 -3.85
C TYR A 151 -18.27 0.58 -3.95
N ASP A 152 -18.80 0.37 -5.16
CA ASP A 152 -19.87 -0.59 -5.40
C ASP A 152 -19.43 -1.64 -6.43
N PRO A 153 -19.22 -2.90 -6.02
CA PRO A 153 -18.62 -3.91 -6.89
C PRO A 153 -19.39 -4.21 -8.16
N ARG A 154 -20.67 -3.80 -8.20
CA ARG A 154 -21.49 -4.02 -9.36
C ARG A 154 -20.99 -3.19 -10.54
N GLU A 155 -20.20 -2.15 -10.27
CA GLU A 155 -19.78 -1.25 -11.33
C GLU A 155 -18.43 -1.65 -11.94
N LEU A 156 -17.78 -2.69 -11.40
CA LEU A 156 -16.59 -3.28 -11.98
C LEU A 156 -16.99 -4.41 -12.94
N ILE A 157 -16.69 -4.24 -14.22
CA ILE A 157 -17.16 -5.19 -15.23
C ILE A 157 -16.11 -5.30 -16.34
N CYS A 158 -15.58 -6.50 -16.56
CA CYS A 158 -14.56 -6.72 -17.57
C CYS A 158 -15.07 -6.28 -18.94
N GLY A 159 -14.15 -6.08 -19.88
CA GLY A 159 -14.47 -5.66 -21.24
C GLY A 159 -15.54 -6.51 -21.91
N ALA A 160 -15.44 -7.83 -21.75
CA ALA A 160 -16.34 -8.75 -22.42
C ALA A 160 -17.78 -8.62 -21.93
N CYS A 161 -17.97 -8.23 -20.65
CA CYS A 161 -19.29 -8.16 -20.06
C CYS A 161 -19.90 -6.77 -20.25
N SER A 162 -19.12 -5.85 -20.77
CA SER A 162 -19.61 -4.50 -21.01
C SER A 162 -19.40 -4.13 -22.47
N ASP A 163 -19.57 -5.11 -23.37
CA ASP A 163 -19.31 -4.86 -24.77
C ASP A 163 -20.40 -3.96 -25.34
N VAL A 164 -20.22 -2.63 -25.23
CA VAL A 164 -21.19 -1.66 -25.74
C VAL A 164 -20.92 -1.39 -27.23
N SER A 165 -19.75 -1.81 -27.72
CA SER A 165 -19.32 -1.56 -29.11
C SER A 165 -19.30 -2.84 -29.95
N ARG A 166 -20.15 -3.83 -29.60
CA ARG A 166 -20.30 -5.08 -30.34
C ARG A 166 -18.99 -5.41 -31.09
N ALA A 167 -17.87 -5.44 -30.36
CA ALA A 167 -16.53 -5.28 -30.91
C ALA A 167 -16.04 -6.52 -31.64
N GLN A 168 -15.16 -6.30 -32.62
CA GLN A 168 -14.61 -7.38 -33.43
C GLN A 168 -13.59 -8.12 -32.58
N MET A 169 -13.83 -9.42 -32.34
CA MET A 169 -13.06 -10.26 -31.42
C MET A 169 -11.65 -10.49 -31.95
N CYS A 170 -10.72 -10.75 -31.03
CA CYS A 170 -9.36 -11.08 -31.39
C CYS A 170 -9.31 -12.57 -31.76
N PRO A 171 -8.75 -12.94 -32.95
CA PRO A 171 -8.68 -14.34 -33.36
C PRO A 171 -7.93 -15.27 -32.39
N LYS A 172 -6.74 -14.85 -31.96
CA LYS A 172 -5.95 -15.56 -30.95
C LYS A 172 -6.74 -15.70 -29.64
N HIS A 173 -6.71 -14.66 -28.79
CA HIS A 173 -7.44 -14.60 -27.53
C HIS A 173 -8.85 -14.07 -27.77
N GLY A 174 -9.88 -14.86 -27.46
CA GLY A 174 -11.24 -14.62 -27.92
C GLY A 174 -11.75 -13.20 -27.70
N THR A 175 -12.20 -12.94 -26.46
CA THR A 175 -12.53 -11.62 -25.97
C THR A 175 -11.94 -11.49 -24.57
N ASP A 176 -11.12 -12.48 -24.22
CA ASP A 176 -10.61 -12.69 -22.88
C ASP A 176 -9.84 -11.47 -22.39
N PHE A 177 -9.19 -10.74 -23.30
CA PHE A 177 -8.36 -9.60 -22.90
C PHE A 177 -8.84 -8.28 -23.52
N LEU A 178 -10.14 -8.19 -23.80
CA LEU A 178 -10.76 -7.00 -24.37
C LEU A 178 -10.88 -5.89 -23.33
N GLU A 179 -10.52 -4.67 -23.75
CA GLU A 179 -10.54 -3.54 -22.84
C GLU A 179 -11.14 -2.32 -23.54
N TYR A 180 -11.79 -1.45 -22.75
CA TYR A 180 -12.39 -0.22 -23.25
C TYR A 180 -11.64 1.03 -22.77
N LYS A 181 -11.76 2.10 -23.57
CA LYS A 181 -11.31 3.44 -23.22
C LYS A 181 -12.25 3.97 -22.13
N CYS A 182 -11.72 4.85 -21.27
CA CYS A 182 -12.56 5.72 -20.46
C CYS A 182 -13.34 6.57 -21.45
N ARG A 183 -14.62 6.84 -21.18
CA ARG A 183 -15.38 7.68 -22.09
C ARG A 183 -14.75 9.08 -22.19
N TYR A 184 -14.07 9.53 -21.12
CA TYR A 184 -13.73 10.94 -20.95
C TYR A 184 -12.22 11.23 -21.10
N CYS A 185 -11.37 10.21 -21.24
CA CYS A 185 -9.95 10.48 -21.39
C CYS A 185 -9.24 9.28 -22.00
N CYS A 186 -7.93 9.41 -22.17
CA CYS A 186 -7.11 8.45 -22.89
C CYS A 186 -6.45 7.46 -21.92
N SER A 187 -7.29 6.58 -21.37
CA SER A 187 -6.93 5.64 -20.33
C SER A 187 -7.78 4.40 -20.49
N VAL A 188 -7.23 3.26 -20.06
CA VAL A 188 -8.00 2.05 -19.90
C VAL A 188 -9.05 2.28 -18.82
N ALA A 189 -10.26 1.79 -19.07
CA ALA A 189 -11.39 1.96 -18.17
C ALA A 189 -11.28 1.01 -16.97
N VAL A 190 -12.03 1.31 -15.90
CA VAL A 190 -12.04 0.48 -14.72
C VAL A 190 -13.48 0.17 -14.36
N PHE A 191 -14.31 1.21 -14.37
CA PHE A 191 -15.69 1.04 -13.92
C PHE A 191 -16.64 1.09 -15.11
N PHE A 192 -17.87 0.62 -14.88
CA PHE A 192 -18.91 0.64 -15.89
C PHE A 192 -20.25 0.94 -15.23
N CYS A 193 -20.66 2.21 -15.30
CA CYS A 193 -21.77 2.63 -14.47
C CYS A 193 -23.00 2.93 -15.32
N PHE A 194 -24.18 2.79 -14.70
CA PHE A 194 -25.46 3.09 -15.32
C PHE A 194 -25.59 2.23 -16.56
N GLY A 195 -24.97 1.04 -16.49
CA GLY A 195 -24.84 0.10 -17.58
C GLY A 195 -24.65 0.76 -18.95
N THR A 196 -23.89 1.87 -19.03
CA THR A 196 -23.65 2.48 -20.32
C THR A 196 -22.25 3.06 -20.42
N THR A 197 -21.67 3.46 -19.29
CA THR A 197 -20.57 4.41 -19.34
C THR A 197 -19.33 3.87 -18.63
N HIS A 198 -18.23 3.82 -19.39
CA HIS A 198 -16.96 3.38 -18.86
C HIS A 198 -16.19 4.58 -18.31
N PHE A 199 -15.64 4.43 -17.09
CA PHE A 199 -14.81 5.45 -16.47
C PHE A 199 -13.49 4.83 -15.99
N CYS A 200 -12.40 5.60 -16.16
CA CYS A 200 -11.13 5.34 -15.50
C CYS A 200 -11.24 5.70 -14.03
N ASN A 201 -10.16 5.55 -13.27
CA ASN A 201 -10.28 5.66 -11.84
C ASN A 201 -10.62 7.10 -11.41
N ALA A 202 -9.83 8.05 -11.91
CA ALA A 202 -9.91 9.45 -11.56
C ALA A 202 -11.24 10.07 -12.00
N CYS A 203 -11.63 9.82 -13.26
CA CYS A 203 -12.87 10.35 -13.80
C CYS A 203 -14.07 9.80 -13.02
N HIS A 204 -13.95 8.59 -12.46
CA HIS A 204 -15.09 8.03 -11.77
C HIS A 204 -15.24 8.83 -10.49
N ASP A 205 -14.09 9.20 -9.93
CA ASP A 205 -14.05 9.89 -8.66
C ASP A 205 -14.83 11.19 -8.81
N ASP A 206 -14.89 11.67 -10.06
CA ASP A 206 -15.32 13.02 -10.36
C ASP A 206 -16.44 12.98 -11.40
N PHE A 207 -17.32 12.00 -11.27
CA PHE A 207 -18.20 11.64 -12.38
C PHE A 207 -19.29 12.68 -12.51
N GLN A 208 -19.63 13.31 -11.38
CA GLN A 208 -20.64 14.35 -11.42
C GLN A 208 -20.19 15.42 -12.41
N ARG A 209 -19.01 15.99 -12.16
CA ARG A 209 -18.41 16.93 -13.10
C ARG A 209 -18.39 16.34 -14.52
N MET A 210 -17.60 15.28 -14.72
CA MET A 210 -17.33 14.73 -16.05
C MET A 210 -18.58 14.62 -16.91
N THR A 211 -19.71 14.22 -16.31
CA THR A 211 -20.96 14.00 -17.03
C THR A 211 -21.52 15.33 -17.53
N SER A 212 -21.18 16.40 -16.81
CA SER A 212 -21.84 17.66 -17.06
C SER A 212 -21.12 18.36 -18.20
N ILE A 213 -19.81 18.14 -18.31
CA ILE A 213 -19.09 18.89 -19.32
C ILE A 213 -19.69 18.58 -20.67
N PRO A 214 -20.03 19.61 -21.46
CA PRO A 214 -20.40 19.44 -22.86
C PRO A 214 -19.33 18.74 -23.72
N LYS A 215 -19.79 17.89 -24.64
CA LYS A 215 -18.97 16.93 -25.35
C LYS A 215 -17.82 17.61 -26.08
N GLU A 216 -18.07 18.80 -26.65
CA GLU A 216 -17.04 19.47 -27.43
C GLU A 216 -16.09 20.23 -26.51
N GLU A 217 -16.39 20.29 -25.21
CA GLU A 217 -15.55 21.02 -24.28
C GLU A 217 -14.58 20.07 -23.58
N LEU A 218 -14.81 18.77 -23.76
CA LEU A 218 -13.90 17.79 -23.21
C LEU A 218 -12.53 17.99 -23.85
N PRO A 219 -11.43 17.53 -23.22
CA PRO A 219 -10.13 17.53 -23.90
C PRO A 219 -10.23 16.54 -25.05
N HIS A 220 -9.52 16.85 -26.14
CA HIS A 220 -9.37 15.93 -27.25
C HIS A 220 -8.05 15.21 -27.06
N CYS A 221 -7.85 14.12 -27.80
CA CYS A 221 -6.63 13.34 -27.73
C CYS A 221 -5.42 14.23 -28.05
N PRO A 222 -4.33 14.24 -27.23
CA PRO A 222 -4.23 13.40 -26.03
C PRO A 222 -4.89 14.01 -24.80
N ALA A 223 -5.73 13.20 -24.11
CA ALA A 223 -6.57 13.59 -22.99
C ALA A 223 -6.18 12.85 -21.70
N GLY A 224 -5.91 13.64 -20.65
CA GLY A 224 -5.71 13.17 -19.29
C GLY A 224 -7.03 13.10 -18.53
N PRO A 225 -7.09 12.39 -17.38
CA PRO A 225 -8.30 12.29 -16.56
C PRO A 225 -8.80 13.62 -16.00
N LYS A 226 -10.06 13.65 -15.57
CA LYS A 226 -10.66 14.79 -14.89
C LYS A 226 -10.58 16.05 -15.75
N GLY A 227 -10.52 15.91 -17.07
CA GLY A 227 -10.64 17.04 -17.98
C GLY A 227 -9.33 17.70 -18.40
N LYS A 228 -8.16 17.14 -18.06
CA LYS A 228 -6.89 17.74 -18.47
C LYS A 228 -6.67 17.62 -19.99
N GLN A 229 -5.97 18.60 -20.57
CA GLN A 229 -5.50 18.46 -21.94
C GLN A 229 -4.00 18.15 -21.89
N LEU A 230 -3.60 16.91 -22.19
CA LEU A 230 -2.19 16.59 -22.17
C LEU A 230 -1.50 17.26 -23.35
N GLU A 231 -0.25 17.70 -23.14
CA GLU A 231 0.51 18.38 -24.18
C GLU A 231 0.97 17.35 -25.21
N GLY A 232 1.00 17.79 -26.48
CA GLY A 232 1.65 16.99 -27.50
C GLY A 232 0.65 16.30 -28.42
N THR A 233 1.11 15.23 -29.05
CA THR A 233 0.49 14.83 -30.30
C THR A 233 0.17 13.33 -30.33
N GLU A 234 0.92 12.53 -29.54
CA GLU A 234 0.69 11.08 -29.51
C GLU A 234 -0.28 10.73 -28.39
N CYS A 235 -1.19 9.80 -28.69
CA CYS A 235 -2.19 9.33 -27.74
C CYS A 235 -1.58 8.39 -26.71
N PRO A 236 -1.91 8.55 -25.41
CA PRO A 236 -1.46 7.61 -24.37
C PRO A 236 -1.79 6.14 -24.67
N LEU A 237 -2.82 5.89 -25.48
CA LEU A 237 -3.23 4.52 -25.67
C LEU A 237 -2.62 3.93 -26.94
N HIS A 238 -1.85 4.78 -27.68
CA HIS A 238 -1.28 4.46 -28.97
C HIS A 238 -2.33 3.82 -29.89
N VAL A 239 -3.44 4.53 -30.07
CA VAL A 239 -4.51 4.06 -30.93
C VAL A 239 -5.16 5.29 -31.53
N VAL A 240 -5.68 5.14 -32.76
CA VAL A 240 -6.70 6.04 -33.26
C VAL A 240 -7.97 5.67 -32.50
N HIS A 241 -8.78 6.68 -32.15
CA HIS A 241 -10.05 6.48 -31.48
C HIS A 241 -10.99 7.64 -31.78
N PRO A 242 -12.30 7.47 -31.53
CA PRO A 242 -13.27 8.53 -31.70
C PRO A 242 -13.04 9.63 -30.68
N PRO A 243 -13.55 10.86 -30.91
CA PRO A 243 -13.29 11.98 -30.01
C PRO A 243 -13.72 11.67 -28.59
N THR A 244 -12.99 12.24 -27.63
CA THR A 244 -13.28 12.12 -26.22
C THR A 244 -14.77 12.36 -26.01
N GLY A 245 -15.40 11.44 -25.29
CA GLY A 245 -16.82 11.57 -25.00
C GLY A 245 -17.64 10.44 -25.60
N GLU A 246 -17.05 9.71 -26.57
CA GLU A 246 -17.66 8.52 -27.16
C GLU A 246 -16.97 7.25 -26.65
N GLU A 247 -17.78 6.20 -26.49
CA GLU A 247 -17.33 4.87 -26.09
C GLU A 247 -16.47 4.30 -27.19
N PHE A 248 -15.48 3.48 -26.82
CA PHE A 248 -14.66 2.87 -27.86
C PHE A 248 -13.97 1.66 -27.29
N ALA A 249 -14.18 0.52 -27.95
CA ALA A 249 -13.48 -0.72 -27.59
C ALA A 249 -12.07 -0.68 -28.16
N LEU A 250 -11.08 -0.90 -27.28
CA LEU A 250 -9.68 -0.70 -27.57
C LEU A 250 -9.09 -1.94 -28.21
N GLY A 251 -9.79 -3.07 -28.04
CA GLY A 251 -9.36 -4.32 -28.60
C GLY A 251 -8.84 -5.26 -27.52
N CYS A 252 -7.88 -6.11 -27.91
CA CYS A 252 -7.26 -7.08 -27.01
C CYS A 252 -6.01 -6.43 -26.44
N GLY A 253 -5.84 -6.56 -25.11
CA GLY A 253 -4.92 -5.75 -24.35
C GLY A 253 -3.46 -6.16 -24.53
N VAL A 254 -3.25 -7.48 -24.61
CA VAL A 254 -1.94 -8.07 -24.79
C VAL A 254 -1.39 -7.75 -26.18
N CYS A 255 -2.26 -7.84 -27.21
CA CYS A 255 -1.86 -8.02 -28.60
C CYS A 255 -1.38 -6.73 -29.27
N ARG A 256 -1.62 -5.57 -28.65
CA ARG A 256 -1.09 -4.31 -29.15
C ARG A 256 0.01 -3.81 -28.20
N ASN A 257 -0.03 -4.28 -26.94
CA ASN A 257 0.97 -4.02 -25.92
C ASN A 257 2.03 -5.13 -25.97
N GLY B 1 -18.43 -7.64 18.20
CA GLY B 1 -18.28 -7.00 16.86
C GLY B 1 -17.49 -5.69 16.94
N PRO B 2 -18.17 -4.55 17.23
CA PRO B 2 -17.47 -3.31 17.58
C PRO B 2 -16.91 -3.41 19.00
N GLY B 3 -17.64 -4.12 19.87
CA GLY B 3 -17.17 -4.47 21.19
C GLY B 3 -15.85 -5.24 21.13
N SER B 4 -15.61 -5.91 20.00
CA SER B 4 -14.37 -6.65 19.80
C SER B 4 -13.26 -5.67 19.43
N ALA B 5 -13.56 -4.82 18.44
CA ALA B 5 -12.68 -3.73 18.04
C ALA B 5 -12.34 -2.83 19.22
N LEU B 6 -13.32 -2.61 20.11
CA LEU B 6 -13.07 -1.74 21.25
C LEU B 6 -12.10 -2.41 22.22
N LYS B 7 -12.26 -3.72 22.45
CA LYS B 7 -11.42 -4.39 23.43
C LYS B 7 -9.97 -4.27 22.94
N ARG B 8 -9.79 -4.34 21.61
CA ARG B 8 -8.50 -4.21 20.93
C ARG B 8 -7.96 -2.77 20.95
N ILE B 9 -8.85 -1.79 20.80
CA ILE B 9 -8.37 -0.42 20.86
C ILE B 9 -7.93 -0.07 22.29
N ASN B 10 -8.67 -0.54 23.30
CA ASN B 10 -8.30 -0.26 24.67
C ASN B 10 -6.95 -0.87 25.00
N LYS B 11 -6.73 -2.11 24.53
CA LYS B 11 -5.47 -2.82 24.72
C LYS B 11 -4.32 -1.99 24.12
N GLU B 12 -4.52 -1.47 22.90
CA GLU B 12 -3.46 -0.74 22.23
C GLU B 12 -3.14 0.53 23.00
N LEU B 13 -4.17 1.14 23.59
CA LEU B 13 -3.98 2.40 24.31
C LEU B 13 -3.19 2.13 25.57
N SER B 14 -3.69 1.18 26.35
CA SER B 14 -3.04 0.76 27.57
C SER B 14 -1.58 0.39 27.30
N ASP B 15 -1.34 -0.36 26.21
CA ASP B 15 0.01 -0.78 25.84
C ASP B 15 0.84 0.44 25.50
N LEU B 16 0.19 1.47 24.95
CA LEU B 16 0.93 2.57 24.37
C LEU B 16 1.41 3.54 25.45
N ALA B 17 0.49 4.34 26.01
CA ALA B 17 0.89 5.44 26.88
C ALA B 17 1.61 4.92 28.14
N ARG B 18 1.78 3.59 28.21
CA ARG B 18 2.57 2.90 29.22
C ARG B 18 3.78 2.25 28.55
N ASP B 19 4.47 3.03 27.72
CA ASP B 19 5.57 2.61 26.84
C ASP B 19 5.40 3.24 25.46
N PRO B 20 5.55 4.58 25.31
CA PRO B 20 5.13 5.23 24.07
C PRO B 20 6.21 4.96 23.05
N PRO B 21 5.89 4.98 21.73
CA PRO B 21 6.91 4.93 20.68
C PRO B 21 7.68 6.24 20.70
N ALA B 22 8.96 6.19 20.30
CA ALA B 22 9.86 7.32 20.43
C ALA B 22 9.34 8.51 19.63
N GLN B 23 9.16 9.67 20.29
CA GLN B 23 8.75 10.91 19.65
C GLN B 23 7.31 10.85 19.08
N SER B 24 6.40 10.10 19.72
CA SER B 24 5.00 10.23 19.37
C SER B 24 4.05 10.01 20.55
N ARG B 25 2.96 10.78 20.54
CA ARG B 25 1.83 10.66 21.44
C ARG B 25 0.60 10.31 20.62
N ALA B 26 -0.37 9.64 21.23
CA ALA B 26 -1.62 9.29 20.56
C ALA B 26 -2.64 8.89 21.62
N GLY B 27 -3.92 9.16 21.34
CA GLY B 27 -4.97 8.81 22.28
C GLY B 27 -6.33 9.31 21.82
N PRO B 28 -7.43 8.76 22.39
CA PRO B 28 -8.78 9.27 22.16
C PRO B 28 -8.84 10.73 22.60
N VAL B 29 -9.77 11.45 22.00
CA VAL B 29 -9.80 12.89 22.13
C VAL B 29 -11.12 13.23 22.79
N GLY B 30 -12.03 12.26 22.83
CA GLY B 30 -13.26 12.37 23.60
C GLY B 30 -13.56 11.07 24.32
N ASP B 31 -14.85 10.74 24.41
CA ASP B 31 -15.30 9.48 24.99
C ASP B 31 -15.54 8.48 23.86
N ASP B 32 -15.51 8.98 22.61
CA ASP B 32 -15.52 8.15 21.42
C ASP B 32 -14.14 7.52 21.18
N MET B 33 -14.07 6.22 21.43
CA MET B 33 -12.82 5.49 21.45
C MET B 33 -12.33 5.15 20.03
N PHE B 34 -13.05 5.55 18.98
CA PHE B 34 -12.71 5.23 17.60
C PHE B 34 -12.06 6.41 16.92
N HIS B 35 -12.03 7.55 17.62
CA HIS B 35 -11.46 8.76 17.09
C HIS B 35 -10.31 9.20 17.98
N TRP B 36 -9.09 9.18 17.44
CA TRP B 36 -7.88 9.49 18.18
C TRP B 36 -7.20 10.71 17.59
N GLN B 37 -6.35 11.32 18.41
CA GLN B 37 -5.45 12.37 17.97
C GLN B 37 -4.04 11.83 18.19
N ALA B 38 -3.07 12.29 17.40
CA ALA B 38 -1.70 11.90 17.65
C ALA B 38 -0.77 13.03 17.24
N THR B 39 0.43 13.01 17.82
CA THR B 39 1.51 13.91 17.47
C THR B 39 2.71 13.06 17.11
N ILE B 40 3.47 13.50 16.11
CA ILE B 40 4.80 12.97 15.82
C ILE B 40 5.74 14.15 15.82
N MET B 41 6.87 14.01 16.52
CA MET B 41 7.89 15.04 16.52
C MET B 41 8.77 14.84 15.29
N GLY B 42 9.15 15.96 14.65
CA GLY B 42 10.13 15.87 13.58
C GLY B 42 11.32 15.10 14.11
N PRO B 43 11.81 14.04 13.41
CA PRO B 43 13.00 13.31 13.86
C PRO B 43 14.19 14.26 13.94
N ASN B 44 15.14 13.95 14.85
CA ASN B 44 16.30 14.76 15.15
C ASN B 44 17.18 15.08 13.94
N ASP B 45 17.18 14.22 12.93
CA ASP B 45 18.21 14.31 11.90
C ASP B 45 17.64 14.98 10.65
N SER B 46 16.32 15.27 10.67
CA SER B 46 15.52 15.67 9.52
C SER B 46 15.29 17.19 9.53
N PRO B 47 14.95 17.80 8.37
CA PRO B 47 14.58 19.22 8.36
C PRO B 47 13.32 19.52 9.17
N TYR B 48 12.66 18.48 9.67
CA TYR B 48 11.40 18.66 10.40
C TYR B 48 11.66 18.80 11.89
N GLN B 49 12.94 18.75 12.27
CA GLN B 49 13.40 18.72 13.65
C GLN B 49 12.76 19.88 14.41
N GLY B 50 12.26 19.57 15.62
CA GLY B 50 11.72 20.58 16.50
C GLY B 50 10.26 20.87 16.20
N GLY B 51 9.76 20.35 15.07
CA GLY B 51 8.35 20.48 14.75
C GLY B 51 7.49 19.52 15.57
N VAL B 52 6.29 19.96 15.94
CA VAL B 52 5.30 19.04 16.47
C VAL B 52 4.22 18.90 15.40
N PHE B 53 3.91 17.65 14.99
CA PHE B 53 2.96 17.42 13.91
C PHE B 53 1.76 16.64 14.40
N PHE B 54 0.59 17.19 14.10
CA PHE B 54 -0.66 16.64 14.58
C PHE B 54 -1.30 15.76 13.52
N LEU B 55 -1.79 14.58 13.96
CA LEU B 55 -2.48 13.65 13.07
C LEU B 55 -3.88 13.38 13.61
N THR B 56 -4.74 12.94 12.69
CA THR B 56 -6.06 12.42 13.00
C THR B 56 -6.07 10.91 12.69
N ILE B 57 -6.80 10.12 13.49
CA ILE B 57 -6.89 8.67 13.36
C ILE B 57 -8.34 8.19 13.54
N HIS B 58 -8.93 7.61 12.50
CA HIS B 58 -10.24 6.96 12.62
C HIS B 58 -10.10 5.45 12.49
N PHE B 59 -10.55 4.73 13.53
CA PHE B 59 -10.57 3.28 13.56
C PHE B 59 -11.88 2.77 12.98
N PRO B 60 -11.87 1.73 12.11
CA PRO B 60 -13.12 1.13 11.59
C PRO B 60 -13.77 0.15 12.58
N THR B 61 -15.06 -0.15 12.38
CA THR B 61 -15.85 -0.92 13.34
C THR B 61 -15.30 -2.34 13.51
N ASP B 62 -14.54 -2.79 12.50
CA ASP B 62 -14.04 -4.15 12.45
C ASP B 62 -12.51 -4.16 12.60
N TYR B 63 -12.00 -3.22 13.38
CA TYR B 63 -10.58 -3.19 13.66
C TYR B 63 -10.27 -4.45 14.45
N PRO B 64 -9.07 -5.09 14.27
CA PRO B 64 -8.07 -4.64 13.30
C PRO B 64 -8.03 -5.39 11.98
N PHE B 65 -9.18 -5.77 11.45
CA PHE B 65 -9.21 -6.50 10.20
C PHE B 65 -9.05 -5.53 9.04
N LYS B 66 -9.48 -4.29 9.25
CA LYS B 66 -9.22 -3.18 8.35
C LYS B 66 -8.29 -2.22 9.06
N PRO B 67 -7.37 -1.51 8.35
CA PRO B 67 -6.50 -0.51 8.96
C PRO B 67 -7.26 0.74 9.40
N PRO B 68 -6.65 1.61 10.26
CA PRO B 68 -7.21 2.92 10.55
C PRO B 68 -6.99 3.95 9.45
N LYS B 69 -7.88 4.97 9.40
CA LYS B 69 -7.72 6.13 8.53
C LYS B 69 -6.83 7.13 9.28
N VAL B 70 -5.64 7.43 8.72
CA VAL B 70 -4.66 8.27 9.39
C VAL B 70 -4.26 9.42 8.47
N ALA B 71 -4.27 10.65 9.01
CA ALA B 71 -3.91 11.82 8.22
C ALA B 71 -3.17 12.85 9.06
N PHE B 72 -2.40 13.70 8.37
CA PHE B 72 -1.86 14.90 8.98
C PHE B 72 -2.92 16.00 9.01
N THR B 73 -2.96 16.72 10.14
CA THR B 73 -3.74 17.95 10.23
C THR B 73 -2.79 19.14 10.29
N THR B 74 -1.48 18.88 10.49
CA THR B 74 -0.45 19.91 10.35
C THR B 74 0.05 19.98 8.91
N ARG B 75 0.14 21.18 8.33
CA ARG B 75 0.66 21.21 6.97
C ARG B 75 2.12 20.78 7.01
N ILE B 76 2.52 19.96 6.04
CA ILE B 76 3.92 19.52 5.97
C ILE B 76 4.37 19.36 4.53
N TYR B 77 5.60 19.79 4.27
CA TYR B 77 6.23 19.71 2.97
C TYR B 77 6.95 18.37 2.88
N HIS B 78 6.40 17.43 2.11
CA HIS B 78 6.94 16.08 2.03
C HIS B 78 6.41 15.37 0.78
N PRO B 79 7.27 14.65 0.03
CA PRO B 79 6.85 13.96 -1.19
C PRO B 79 5.70 12.96 -1.08
N ASN B 80 5.43 12.45 0.14
CA ASN B 80 4.53 11.32 0.30
C ASN B 80 3.33 11.68 1.17
N ILE B 81 3.17 12.99 1.44
CA ILE B 81 2.02 13.51 2.14
C ILE B 81 1.51 14.72 1.36
N ASN B 82 0.21 14.74 1.03
CA ASN B 82 -0.38 15.81 0.24
C ASN B 82 -0.95 16.92 1.12
N SER B 83 -1.45 17.98 0.47
CA SER B 83 -2.04 19.15 1.11
C SER B 83 -3.31 18.82 1.90
N ASN B 84 -3.82 17.58 1.84
CA ASN B 84 -4.96 17.21 2.67
C ASN B 84 -4.51 16.40 3.88
N GLY B 85 -3.20 16.15 3.95
CA GLY B 85 -2.59 15.36 5.01
C GLY B 85 -2.75 13.86 4.79
N SER B 86 -2.92 13.46 3.53
CA SER B 86 -2.99 12.04 3.19
C SER B 86 -1.59 11.50 3.08
N ILE B 87 -1.38 10.28 3.61
CA ILE B 87 -0.05 9.68 3.66
C ILE B 87 -0.01 8.49 2.72
N CYS B 88 1.02 8.47 1.89
CA CYS B 88 1.29 7.34 1.01
C CYS B 88 2.11 6.33 1.81
N LEU B 89 1.39 5.44 2.46
CA LEU B 89 2.05 4.43 3.27
C LEU B 89 1.40 3.07 3.04
N ASP B 90 2.21 2.14 2.52
CA ASP B 90 1.76 0.80 2.15
C ASP B 90 1.03 0.12 3.31
N ILE B 91 1.57 0.20 4.51
CA ILE B 91 1.00 -0.56 5.62
C ILE B 91 -0.36 -0.03 6.01
N LEU B 92 -0.85 1.02 5.34
CA LEU B 92 -2.16 1.56 5.69
C LEU B 92 -3.17 1.13 4.65
N ARG B 93 -2.66 0.49 3.59
CA ARG B 93 -3.42 0.07 2.42
C ARG B 93 -3.21 -1.42 2.15
N SER B 94 -2.45 -1.74 1.10
CA SER B 94 -2.37 -3.10 0.61
C SER B 94 -1.59 -4.01 1.57
N GLN B 95 -0.72 -3.41 2.39
CA GLN B 95 0.20 -4.16 3.22
C GLN B 95 -0.23 -4.19 4.69
N TRP B 96 -1.50 -3.89 4.97
CA TRP B 96 -1.96 -3.93 6.35
C TRP B 96 -2.12 -5.36 6.89
N SER B 97 -1.62 -5.58 8.10
CA SER B 97 -1.81 -6.83 8.83
C SER B 97 -2.45 -6.51 10.18
N PRO B 98 -3.34 -7.36 10.72
CA PRO B 98 -3.97 -7.09 12.03
C PRO B 98 -2.97 -7.18 13.17
N ALA B 99 -1.73 -7.55 12.82
CA ALA B 99 -0.70 -7.74 13.81
C ALA B 99 -0.06 -6.39 14.09
N LEU B 100 -0.28 -5.45 13.16
CA LEU B 100 0.19 -4.08 13.32
C LEU B 100 -0.66 -3.37 14.38
N THR B 101 -0.01 -2.40 15.02
CA THR B 101 -0.66 -1.55 16.00
C THR B 101 -0.30 -0.11 15.70
N ILE B 102 -1.05 0.81 16.33
CA ILE B 102 -0.90 2.24 16.16
C ILE B 102 0.54 2.63 16.43
N SER B 103 1.13 2.03 17.48
CA SER B 103 2.54 2.19 17.77
C SER B 103 3.37 1.98 16.50
N LYS B 104 3.01 0.93 15.75
CA LYS B 104 3.79 0.51 14.60
C LYS B 104 3.51 1.46 13.44
N VAL B 105 2.30 1.98 13.39
CA VAL B 105 1.98 2.93 12.34
C VAL B 105 2.75 4.23 12.57
N LEU B 106 2.80 4.65 13.84
CA LEU B 106 3.37 5.95 14.16
C LEU B 106 4.88 5.88 13.95
N LEU B 107 5.46 4.76 14.38
CA LEU B 107 6.86 4.47 14.18
C LEU B 107 7.18 4.49 12.68
N SER B 108 6.22 4.04 11.88
CA SER B 108 6.40 3.85 10.46
C SER B 108 6.31 5.20 9.76
N ILE B 109 5.38 6.05 10.23
CA ILE B 109 5.19 7.39 9.68
C ILE B 109 6.40 8.25 10.01
N SER B 110 6.88 8.11 11.23
CA SER B 110 8.03 8.85 11.71
C SER B 110 9.27 8.52 10.86
N SER B 111 9.44 7.24 10.53
CA SER B 111 10.55 6.82 9.69
C SER B 111 10.42 7.46 8.31
N LEU B 112 9.17 7.60 7.85
CA LEU B 112 8.90 8.15 6.55
C LEU B 112 9.35 9.62 6.49
N LEU B 113 9.30 10.32 7.63
CA LEU B 113 9.79 11.70 7.66
C LEU B 113 11.31 11.69 7.68
N SER B 114 11.90 10.64 8.28
CA SER B 114 13.34 10.54 8.43
C SER B 114 14.01 10.30 7.07
N ASP B 115 13.20 9.89 6.10
CA ASP B 115 13.67 9.26 4.90
C ASP B 115 12.46 9.12 3.96
N PRO B 116 12.21 10.14 3.11
CA PRO B 116 11.11 10.05 2.15
C PRO B 116 11.40 9.09 1.00
N ASN B 117 10.34 8.70 0.29
CA ASN B 117 10.45 7.82 -0.86
C ASN B 117 10.00 8.60 -2.09
N PRO B 118 10.94 9.10 -2.92
CA PRO B 118 10.59 9.81 -4.15
C PRO B 118 10.17 9.00 -5.37
N ASP B 119 10.28 7.66 -5.30
CA ASP B 119 10.17 6.85 -6.51
C ASP B 119 8.72 6.74 -6.98
N ASP B 120 7.80 6.44 -6.06
CA ASP B 120 6.38 6.54 -6.37
C ASP B 120 5.77 7.60 -5.45
N PRO B 121 5.94 8.90 -5.77
CA PRO B 121 5.54 9.98 -4.86
C PRO B 121 4.08 10.34 -5.04
N LEU B 122 3.50 10.90 -3.98
CA LEU B 122 2.10 11.34 -3.96
C LEU B 122 2.06 12.81 -4.37
N VAL B 123 3.15 13.54 -4.11
CA VAL B 123 3.33 14.90 -4.58
C VAL B 123 4.57 14.93 -5.47
N PRO B 124 4.42 14.89 -6.81
CA PRO B 124 5.57 14.62 -7.68
C PRO B 124 6.46 15.85 -7.85
N GLU B 125 5.92 17.02 -7.51
CA GLU B 125 6.67 18.25 -7.50
C GLU B 125 7.76 18.18 -6.43
N ILE B 126 7.36 18.01 -5.17
CA ILE B 126 8.29 17.94 -4.05
C ILE B 126 9.23 16.77 -4.31
N ALA B 127 8.68 15.70 -4.90
CA ALA B 127 9.49 14.54 -5.20
C ALA B 127 10.68 14.98 -6.04
N ARG B 128 10.41 15.85 -7.03
CA ARG B 128 11.39 16.27 -8.00
C ARG B 128 12.50 17.05 -7.29
N ILE B 129 12.08 18.06 -6.51
CA ILE B 129 12.98 18.92 -5.79
C ILE B 129 13.96 18.09 -4.95
N TYR B 130 13.43 17.08 -4.26
CA TYR B 130 14.18 16.17 -3.40
C TYR B 130 15.32 15.50 -4.16
N LYS B 131 15.02 15.02 -5.37
CA LYS B 131 15.92 14.16 -6.12
C LYS B 131 17.00 15.00 -6.80
N THR B 132 16.68 16.28 -7.06
CA THR B 132 17.52 17.14 -7.91
C THR B 132 18.25 18.20 -7.07
N ASP B 133 17.67 18.62 -5.95
CA ASP B 133 18.25 19.67 -5.14
C ASP B 133 17.87 19.47 -3.69
N ARG B 134 18.79 18.89 -2.91
CA ARG B 134 18.50 18.48 -1.54
C ARG B 134 18.50 19.69 -0.63
N ASP B 135 19.54 20.53 -0.80
CA ASP B 135 19.68 21.76 -0.05
C ASP B 135 18.34 22.51 -0.03
N LYS B 136 17.73 22.64 -1.22
CA LYS B 136 16.48 23.36 -1.39
C LYS B 136 15.38 22.68 -0.59
N TYR B 137 15.33 21.34 -0.71
CA TYR B 137 14.29 20.55 -0.07
C TYR B 137 14.30 20.77 1.44
N ASN B 138 15.50 20.80 2.04
CA ASN B 138 15.64 20.99 3.47
C ASN B 138 15.15 22.38 3.86
N ARG B 139 15.58 23.39 3.09
CA ARG B 139 15.25 24.78 3.35
C ARG B 139 13.73 24.95 3.43
N ILE B 140 13.03 24.45 2.40
CA ILE B 140 11.57 24.58 2.34
C ILE B 140 10.91 23.76 3.44
N SER B 141 11.44 22.57 3.71
CA SER B 141 10.91 21.71 4.75
C SER B 141 11.04 22.40 6.10
N ARG B 142 12.22 22.97 6.36
CA ARG B 142 12.46 23.62 7.65
C ARG B 142 11.62 24.88 7.72
N GLU B 143 11.56 25.60 6.60
CA GLU B 143 10.78 26.81 6.51
C GLU B 143 9.32 26.53 6.84
N TRP B 144 8.75 25.49 6.21
CA TRP B 144 7.38 25.05 6.48
C TRP B 144 7.23 24.61 7.93
N THR B 145 8.26 23.92 8.43
CA THR B 145 8.27 23.46 9.82
C THR B 145 8.09 24.66 10.73
N GLN B 146 8.80 25.76 10.43
CA GLN B 146 8.77 27.00 11.20
C GLN B 146 7.41 27.72 11.08
N LYS B 147 6.74 27.65 9.92
CA LYS B 147 5.48 28.35 9.77
C LYS B 147 4.32 27.59 10.41
N TYR B 148 4.34 26.25 10.30
CA TYR B 148 3.12 25.48 10.50
C TYR B 148 3.20 24.58 11.73
N ALA B 149 4.43 24.23 12.15
CA ALA B 149 4.63 23.15 13.12
C ALA B 149 5.38 23.60 14.37
N MET B 150 5.51 24.92 14.55
CA MET B 150 6.06 25.49 15.77
C MET B 150 5.25 26.74 16.12
N GLN C 2 25.07 -9.30 22.36
CA GLN C 2 23.72 -9.81 21.93
C GLN C 2 22.62 -8.74 22.04
N ILE C 3 21.81 -8.58 20.97
CA ILE C 3 20.71 -7.61 20.88
C ILE C 3 19.56 -8.23 20.08
N PHE C 4 18.36 -7.61 20.15
CA PHE C 4 17.18 -8.10 19.45
C PHE C 4 16.78 -7.16 18.31
N VAL C 5 15.91 -7.63 17.41
CA VAL C 5 15.39 -6.88 16.28
C VAL C 5 13.91 -7.21 16.08
N LYS C 6 13.02 -6.25 16.35
CA LYS C 6 11.61 -6.48 16.15
C LYS C 6 11.23 -6.10 14.73
N THR C 7 10.55 -7.00 14.03
CA THR C 7 9.86 -6.65 12.81
C THR C 7 8.59 -5.87 13.17
N LEU C 8 8.07 -5.08 12.22
CA LEU C 8 6.85 -4.33 12.46
C LEU C 8 5.76 -5.25 13.01
N THR C 9 5.67 -6.45 12.42
CA THR C 9 4.61 -7.39 12.70
C THR C 9 5.02 -8.36 13.81
N GLY C 10 5.86 -7.89 14.74
CA GLY C 10 6.09 -8.58 16.00
C GLY C 10 7.23 -9.61 15.99
N LYS C 11 7.51 -10.22 14.83
CA LYS C 11 8.52 -11.27 14.72
C LYS C 11 9.88 -10.76 15.19
N THR C 12 10.36 -11.31 16.32
CA THR C 12 11.62 -10.93 16.95
C THR C 12 12.74 -11.85 16.48
N ILE C 13 13.95 -11.30 16.28
CA ILE C 13 15.11 -12.09 15.89
C ILE C 13 16.29 -11.69 16.77
N THR C 14 17.25 -12.61 16.98
CA THR C 14 18.35 -12.38 17.90
C THR C 14 19.71 -12.37 17.18
N LEU C 15 20.62 -11.51 17.64
CA LEU C 15 21.95 -11.35 17.07
C LEU C 15 23.00 -11.22 18.18
N GLU C 16 24.13 -11.93 18.03
CA GLU C 16 25.31 -11.66 18.84
C GLU C 16 26.09 -10.53 18.19
N VAL C 17 26.47 -9.53 19.01
CA VAL C 17 27.23 -8.39 18.52
C VAL C 17 28.13 -7.86 19.64
N GLU C 18 29.23 -7.26 19.18
CA GLU C 18 30.14 -6.45 19.97
C GLU C 18 29.81 -4.98 19.68
N PRO C 19 29.96 -4.06 20.67
CA PRO C 19 29.68 -2.64 20.43
C PRO C 19 30.13 -2.10 19.07
N SER C 20 31.39 -2.34 18.70
CA SER C 20 31.97 -1.62 17.58
C SER C 20 31.33 -2.02 16.25
N ASP C 21 30.41 -3.00 16.30
CA ASP C 21 29.75 -3.52 15.10
C ASP C 21 29.15 -2.37 14.28
N THR C 22 29.46 -2.30 12.98
CA THR C 22 28.91 -1.27 12.09
C THR C 22 27.49 -1.67 11.68
N ILE C 23 26.61 -0.68 11.51
CA ILE C 23 25.22 -1.02 11.26
C ILE C 23 25.11 -1.61 9.84
N GLU C 24 26.11 -1.30 9.00
CA GLU C 24 26.33 -1.98 7.74
C GLU C 24 26.24 -3.50 7.91
N ASN C 25 27.08 -4.03 8.82
CA ASN C 25 27.22 -5.47 8.95
C ASN C 25 26.17 -6.02 9.91
N VAL C 26 25.40 -5.13 10.54
CA VAL C 26 24.28 -5.62 11.35
C VAL C 26 23.08 -5.79 10.43
N LYS C 27 23.08 -5.06 9.31
CA LYS C 27 22.10 -5.26 8.27
C LYS C 27 22.48 -6.54 7.51
N ALA C 28 23.79 -6.76 7.39
CA ALA C 28 24.32 -7.97 6.78
C ALA C 28 24.00 -9.17 7.67
N LYS C 29 24.36 -9.07 8.95
CA LYS C 29 24.14 -10.15 9.92
C LYS C 29 22.65 -10.42 10.07
N ILE C 30 21.81 -9.50 9.56
CA ILE C 30 20.37 -9.64 9.55
C ILE C 30 19.94 -10.56 8.40
N GLN C 31 20.63 -10.44 7.27
CA GLN C 31 20.37 -11.23 6.08
C GLN C 31 20.67 -12.72 6.36
N ASP C 32 21.77 -12.96 7.07
CA ASP C 32 22.23 -14.30 7.41
C ASP C 32 21.16 -15.08 8.17
N LYS C 33 20.28 -14.38 8.88
CA LYS C 33 19.29 -15.09 9.67
C LYS C 33 17.96 -15.18 8.91
N GLU C 34 17.35 -14.04 8.55
CA GLU C 34 16.03 -14.09 7.95
C GLU C 34 16.08 -13.65 6.48
N GLY C 35 17.30 -13.38 5.99
CA GLY C 35 17.62 -13.35 4.57
C GLY C 35 16.92 -12.25 3.77
N ILE C 36 17.15 -10.98 4.15
CA ILE C 36 16.65 -9.87 3.35
C ILE C 36 17.84 -9.03 2.87
N PRO C 37 17.77 -8.44 1.66
CA PRO C 37 18.79 -7.50 1.19
C PRO C 37 18.94 -6.20 1.98
N PRO C 38 20.12 -5.95 2.59
CA PRO C 38 20.37 -4.72 3.35
C PRO C 38 19.77 -3.49 2.67
N ASP C 39 19.65 -3.57 1.34
CA ASP C 39 19.28 -2.41 0.55
C ASP C 39 17.80 -2.10 0.68
N GLN C 40 17.04 -3.02 1.29
CA GLN C 40 15.62 -2.79 1.42
C GLN C 40 15.23 -2.45 2.86
N GLN C 41 16.17 -2.66 3.79
CA GLN C 41 15.87 -2.63 5.21
C GLN C 41 16.46 -1.38 5.89
N ARG C 42 15.63 -0.75 6.75
CA ARG C 42 16.01 0.35 7.62
C ARG C 42 15.99 -0.11 9.07
N LEU C 43 16.88 0.45 9.88
CA LEU C 43 16.87 0.12 11.30
C LEU C 43 16.54 1.37 12.12
N ILE C 44 15.58 1.24 13.03
CA ILE C 44 15.13 2.38 13.80
C ILE C 44 15.46 2.07 15.26
N PHE C 45 16.24 2.96 15.89
CA PHE C 45 16.46 2.84 17.32
C PHE C 45 16.11 4.17 17.98
N ALA C 46 15.24 4.10 18.99
CA ALA C 46 14.82 5.27 19.77
C ALA C 46 14.46 6.42 18.83
N GLY C 47 13.80 6.05 17.72
CA GLY C 47 13.24 7.02 16.80
C GLY C 47 14.27 7.55 15.82
N LYS C 48 15.51 7.09 15.94
CA LYS C 48 16.57 7.43 14.99
C LYS C 48 16.73 6.34 13.92
N GLN C 49 16.70 6.73 12.65
CA GLN C 49 17.07 5.85 11.55
C GLN C 49 18.60 5.71 11.50
N LEU C 50 19.10 4.48 11.68
CA LEU C 50 20.53 4.24 11.85
C LEU C 50 21.27 4.37 10.51
N GLU C 51 22.41 5.06 10.54
CA GLU C 51 23.20 5.36 9.34
C GLU C 51 24.16 4.21 9.08
N ASP C 52 24.23 3.76 7.82
CA ASP C 52 25.15 2.71 7.40
C ASP C 52 26.57 3.15 7.73
N GLY C 53 27.34 2.25 8.35
CA GLY C 53 28.72 2.56 8.70
C GLY C 53 28.81 3.63 9.80
N ARG C 54 28.06 3.42 10.87
CA ARG C 54 28.37 3.95 12.18
C ARG C 54 28.36 2.78 13.14
N THR C 55 29.10 2.88 14.26
CA THR C 55 29.10 1.80 15.24
C THR C 55 27.73 1.75 15.94
N LEU C 56 27.59 0.80 16.87
CA LEU C 56 26.37 0.73 17.65
C LEU C 56 26.49 1.58 18.91
N SER C 57 27.71 1.69 19.47
CA SER C 57 27.90 2.61 20.59
C SER C 57 28.20 4.02 20.09
N ASP C 58 28.14 4.20 18.76
CA ASP C 58 27.89 5.49 18.13
C ASP C 58 26.50 5.96 18.53
N TYR C 59 25.56 5.00 18.67
CA TYR C 59 24.16 5.28 18.92
C TYR C 59 23.80 4.99 20.40
N ASN C 60 24.79 4.55 21.19
CA ASN C 60 24.60 4.22 22.60
C ASN C 60 23.80 2.92 22.73
N ILE C 61 23.94 2.01 21.75
CA ILE C 61 23.17 0.77 21.80
C ILE C 61 23.93 -0.25 22.65
N GLN C 62 23.28 -0.69 23.73
CA GLN C 62 23.89 -1.47 24.79
C GLN C 62 23.36 -2.90 24.80
N LYS C 63 23.94 -3.75 25.66
CA LYS C 63 23.55 -5.14 25.80
C LYS C 63 22.03 -5.25 25.92
N GLU C 64 21.45 -6.07 25.03
CA GLU C 64 20.06 -6.52 25.08
C GLU C 64 19.11 -5.36 24.78
N SER C 65 19.41 -4.58 23.73
CA SER C 65 18.55 -3.51 23.25
C SER C 65 17.65 -4.02 22.13
N THR C 66 16.66 -3.20 21.72
CA THR C 66 15.74 -3.55 20.65
C THR C 66 15.72 -2.50 19.52
N LEU C 67 15.90 -2.98 18.29
CA LEU C 67 15.76 -2.17 17.10
C LEU C 67 14.46 -2.57 16.40
N HIS C 68 14.07 -1.81 15.38
CA HIS C 68 12.93 -2.17 14.56
C HIS C 68 13.33 -2.22 13.08
N LEU C 69 12.96 -3.31 12.40
CA LEU C 69 13.17 -3.34 10.97
C LEU C 69 11.89 -2.90 10.28
N VAL C 70 11.99 -1.75 9.60
CA VAL C 70 10.99 -1.31 8.64
C VAL C 70 11.66 -1.44 7.29
N LEU C 71 10.90 -1.78 6.24
CA LEU C 71 11.46 -1.90 4.90
C LEU C 71 10.53 -1.28 3.86
N ARG C 72 11.13 -0.70 2.80
CA ARG C 72 10.37 -0.19 1.65
C ARG C 72 10.08 -1.33 0.65
#